data_2GJG
#
_entry.id   2GJG
#
_cell.length_a   89.224
_cell.length_b   48.819
_cell.length_c   57.476
_cell.angle_alpha   90.000
_cell.angle_beta   93.410
_cell.angle_gamma   90.000
#
_symmetry.space_group_name_H-M   'C 1 2 1'
#
loop_
_entity.id
_entity.type
_entity.pdbx_description
1 polymer 'hypothetical protein PP4397'
2 non-polymer 1,2-ETHANEDIOL
3 water water
#
_entity_poly.entity_id   1
_entity_poly.type   'polypeptide(L)'
_entity_poly.pdbx_seq_one_letter_code
;G(MSE)FNESDAPQPPKVLSTPLEIAANLRQLQESHDPLIITFHDRSHRFQSYVVHVDRESNTLALDE(MSE)IPRDGEK
FIENGEHFRVEGFHDGVRIAWECDHALKISEVDGHRCYSGPLPQEVTYHQRRNAFRAALKLSQLVDIILDGAHLKGNGA
(MSE)RGKLLDISATGCKLRFEGNVEDRLQLGQVYERFKAGNPLGLVDT(MSE)VELRHLHYEERINTTFAGVRFHNLSG
QAQRKIESFVYQLQREARRFDKDDY
;
_entity_poly.pdbx_strand_id   A
#
# COMPACT_ATOMS: atom_id res chain seq x y z
N PHE A 3 -10.84 -7.86 -17.33
CA PHE A 3 -10.72 -8.41 -16.00
C PHE A 3 -9.69 -7.55 -15.25
N ASN A 4 -9.70 -7.64 -13.93
CA ASN A 4 -8.63 -7.06 -13.13
C ASN A 4 -7.57 -8.13 -12.81
N GLU A 5 -6.36 -7.98 -13.37
CA GLU A 5 -5.23 -8.82 -12.94
C GLU A 5 -5.34 -8.79 -11.43
N SER A 6 -5.61 -9.94 -10.84
CA SER A 6 -6.07 -10.01 -9.43
C SER A 6 -5.07 -9.47 -8.38
N ASP A 7 -3.78 -9.39 -8.73
CA ASP A 7 -2.78 -8.76 -7.85
C ASP A 7 -2.56 -7.25 -8.15
N ALA A 8 -3.30 -6.70 -9.11
CA ALA A 8 -3.17 -5.29 -9.48
C ALA A 8 -3.69 -4.39 -8.38
N PRO A 9 -2.93 -3.34 -7.99
CA PRO A 9 -3.52 -2.44 -7.00
C PRO A 9 -4.77 -1.72 -7.52
N GLN A 10 -5.81 -1.74 -6.71
CA GLN A 10 -7.10 -1.17 -7.05
C GLN A 10 -7.08 0.30 -6.60
N PRO A 11 -7.42 1.26 -7.49
CA PRO A 11 -7.35 2.62 -6.97
C PRO A 11 -8.54 2.98 -6.05
N PRO A 12 -8.44 4.11 -5.31
CA PRO A 12 -9.55 4.63 -4.52
C PRO A 12 -10.79 4.94 -5.35
N LYS A 13 -11.93 4.75 -4.70
CA LYS A 13 -13.22 4.97 -5.29
C LYS A 13 -13.83 6.09 -4.44
N VAL A 14 -14.44 7.08 -5.11
CA VAL A 14 -15.10 8.15 -4.37
C VAL A 14 -16.59 7.93 -4.45
N LEU A 15 -17.22 7.84 -3.29
CA LEU A 15 -18.68 7.74 -3.19
C LEU A 15 -19.28 9.13 -3.03
N SER A 16 -20.21 9.47 -3.92
CA SER A 16 -20.84 10.78 -3.91
C SER A 16 -22.38 10.76 -3.79
N THR A 17 -23.03 9.60 -3.89
CA THR A 17 -24.48 9.52 -3.68
C THR A 17 -24.78 9.34 -2.18
N PRO A 18 -25.78 10.08 -1.66
CA PRO A 18 -26.06 9.92 -0.23
C PRO A 18 -26.53 8.53 0.16
N LEU A 19 -27.21 7.83 -0.76
CA LEU A 19 -27.59 6.41 -0.57
C LEU A 19 -26.41 5.46 -0.36
N GLU A 20 -25.35 5.67 -1.13
CA GLU A 20 -24.10 4.92 -0.98
C GLU A 20 -23.30 5.32 0.26
N ILE A 21 -23.25 6.62 0.48
CA ILE A 21 -22.54 7.15 1.61
C ILE A 21 -23.14 6.57 2.88
N ALA A 22 -24.46 6.66 3.02
CA ALA A 22 -25.18 6.23 4.22
C ALA A 22 -25.05 4.75 4.48
N ALA A 23 -25.18 3.95 3.42
CA ALA A 23 -24.91 2.51 3.49
C ALA A 23 -23.54 2.21 4.07
N ASN A 24 -22.55 2.95 3.64
CA ASN A 24 -21.19 2.66 4.06
C ASN A 24 -20.98 3.03 5.49
N LEU A 25 -21.56 4.14 5.89
CA LEU A 25 -21.49 4.58 7.30
C LEU A 25 -22.31 3.66 8.26
N ARG A 26 -23.46 3.18 7.79
CA ARG A 26 -24.28 2.22 8.54
C ARG A 26 -23.51 0.94 8.85
N GLN A 27 -22.82 0.47 7.82
CA GLN A 27 -21.94 -0.69 7.94
C GLN A 27 -20.89 -0.54 9.00
N LEU A 28 -20.23 0.61 9.03
CA LEU A 28 -19.29 0.90 10.11
C LEU A 28 -19.96 0.95 11.47
N GLN A 29 -21.18 1.47 11.54
CA GLN A 29 -21.91 1.51 12.81
C GLN A 29 -22.24 0.10 13.29
N GLU A 30 -22.93 -0.64 12.43
CA GLU A 30 -23.41 -2.01 12.71
C GLU A 30 -22.32 -3.03 13.04
N SER A 31 -21.15 -2.89 12.43
CA SER A 31 -20.00 -3.73 12.77
C SER A 31 -19.10 -3.11 13.84
N HIS A 32 -19.39 -1.90 14.29
CA HIS A 32 -18.55 -1.26 15.33
C HIS A 32 -17.05 -1.26 14.92
N ASP A 33 -16.81 -0.93 13.65
CA ASP A 33 -15.47 -0.83 13.12
C ASP A 33 -14.80 0.41 13.68
N PRO A 34 -13.64 0.23 14.37
CA PRO A 34 -13.06 1.40 15.04
C PRO A 34 -12.53 2.40 14.04
N LEU A 35 -12.66 3.66 14.40
CA LEU A 35 -12.20 4.77 13.60
C LEU A 35 -10.98 5.44 14.25
N ILE A 36 -10.21 6.16 13.45
CA ILE A 36 -9.13 7.02 13.89
C ILE A 36 -9.42 8.46 13.37
N ILE A 37 -9.26 9.41 14.26
CA ILE A 37 -9.57 10.80 13.96
C ILE A 37 -8.28 11.54 13.97
N THR A 38 -7.96 12.16 12.84
CA THR A 38 -6.77 12.99 12.73
CA THR A 38 -6.78 13.01 12.72
C THR A 38 -7.27 14.44 12.61
N PHE A 39 -6.89 15.29 13.56
CA PHE A 39 -7.26 16.70 13.54
C PHE A 39 -6.22 17.44 12.73
N HIS A 40 -6.61 18.52 12.08
CA HIS A 40 -5.72 19.12 11.09
C HIS A 40 -4.31 19.39 11.60
N ASP A 41 -4.17 19.94 12.79
CA ASP A 41 -2.82 20.33 13.21
C ASP A 41 -2.50 19.80 14.59
N ARG A 42 -2.92 18.57 14.87
CA ARG A 42 -2.69 17.97 16.19
C ARG A 42 -1.88 16.71 16.01
N SER A 43 -0.90 16.50 16.87
CA SER A 43 0.00 15.35 16.79
C SER A 43 -0.64 14.02 17.20
N HIS A 44 -1.45 14.06 18.25
CA HIS A 44 -2.14 12.89 18.72
C HIS A 44 -3.39 12.67 17.90
N ARG A 45 -3.63 11.41 17.59
CA ARG A 45 -4.84 10.99 16.90
C ARG A 45 -5.75 10.37 17.96
N PHE A 46 -7.00 10.14 17.60
CA PHE A 46 -8.00 9.64 18.55
C PHE A 46 -8.85 8.60 17.91
N GLN A 47 -9.50 7.78 18.73
CA GLN A 47 -10.37 6.73 18.24
C GLN A 47 -11.84 7.10 18.48
N SER A 48 -12.70 6.55 17.65
CA SER A 48 -14.12 6.74 17.80
C SER A 48 -14.87 5.61 17.07
N TYR A 49 -16.19 5.67 17.10
CA TYR A 49 -17.01 4.75 16.31
C TYR A 49 -18.14 5.57 15.74
N VAL A 50 -18.86 5.00 14.77
CA VAL A 50 -20.06 5.61 14.24
C VAL A 50 -21.18 5.07 15.10
N VAL A 51 -21.90 5.95 15.78
CA VAL A 51 -22.91 5.51 16.74
C VAL A 51 -24.33 5.87 16.31
N HIS A 52 -24.46 6.56 15.21
CA HIS A 52 -25.79 6.79 14.68
C HIS A 52 -25.67 7.32 13.28
N VAL A 53 -26.52 6.85 12.39
CA VAL A 53 -26.59 7.32 11.01
C VAL A 53 -28.05 7.40 10.58
N ASP A 54 -28.47 8.56 10.11
CA ASP A 54 -29.88 8.77 9.76
C ASP A 54 -29.96 9.64 8.50
N ARG A 55 -30.24 9.02 7.35
CA ARG A 55 -30.27 9.76 6.09
C ARG A 55 -31.49 10.71 5.99
N GLU A 56 -32.63 10.35 6.58
CA GLU A 56 -33.81 11.23 6.61
C GLU A 56 -33.57 12.57 7.32
N SER A 57 -32.91 12.55 8.47
CA SER A 57 -32.59 13.81 9.17
C SER A 57 -31.23 14.40 8.76
N ASN A 58 -30.42 13.64 8.02
CA ASN A 58 -29.06 14.06 7.67
C ASN A 58 -28.24 14.22 8.95
N THR A 59 -28.16 13.15 9.74
CA THR A 59 -27.41 13.17 11.00
C THR A 59 -26.40 12.02 11.00
N LEU A 60 -25.15 12.35 11.32
CA LEU A 60 -24.13 11.34 11.56
C LEU A 60 -23.47 11.68 12.88
N ALA A 61 -23.56 10.75 13.85
CA ALA A 61 -22.97 10.94 15.17
C ALA A 61 -21.81 9.97 15.41
N LEU A 62 -20.70 10.50 15.91
CA LEU A 62 -19.53 9.69 16.25
C LEU A 62 -19.48 9.55 17.75
N ASP A 63 -18.82 8.49 18.21
CA ASP A 63 -18.70 8.22 19.65
C ASP A 63 -17.68 9.18 20.25
N GLU A 64 -17.78 9.31 21.56
CA GLU A 64 -16.80 9.99 22.40
C GLU A 64 -15.36 9.57 22.06
N ILE A 66 -11.34 8.72 22.19
CA ILE A 66 -10.49 7.90 23.07
C ILE A 66 -9.05 8.24 22.72
N PRO A 67 -8.30 8.87 23.64
CA PRO A 67 -8.64 9.36 24.99
C PRO A 67 -9.71 10.44 24.97
N ARG A 68 -10.37 10.64 26.10
CA ARG A 68 -11.41 11.64 26.22
C ARG A 68 -10.92 13.08 26.07
N ASP A 69 -9.62 13.30 26.18
CA ASP A 69 -9.00 14.61 25.98
CA ASP A 69 -9.06 14.63 25.98
C ASP A 69 -9.18 15.11 24.53
N GLY A 70 -9.38 14.18 23.60
CA GLY A 70 -9.64 14.57 22.21
C GLY A 70 -10.84 15.48 22.03
N GLU A 71 -11.77 15.39 22.97
CA GLU A 71 -13.02 16.13 22.94
C GLU A 71 -12.85 17.62 22.91
N LYS A 72 -11.80 18.13 23.53
CA LYS A 72 -11.53 19.56 23.49
C LYS A 72 -11.35 20.12 22.07
N PHE A 73 -10.92 19.26 21.14
CA PHE A 73 -10.72 19.69 19.76
C PHE A 73 -12.03 19.74 19.00
N ILE A 74 -12.99 18.89 19.39
CA ILE A 74 -14.35 18.94 18.92
C ILE A 74 -15.03 20.18 19.47
N GLU A 75 -14.86 20.44 20.75
CA GLU A 75 -15.37 21.70 21.32
C GLU A 75 -14.90 22.90 20.48
N ASN A 76 -13.65 22.84 20.03
CA ASN A 76 -12.98 23.92 19.30
C ASN A 76 -13.43 24.06 17.84
N GLY A 77 -14.17 23.06 17.35
CA GLY A 77 -14.72 23.08 15.99
C GLY A 77 -13.67 22.76 14.95
N GLU A 78 -12.71 21.92 15.31
CA GLU A 78 -11.54 21.72 14.48
C GLU A 78 -11.80 20.71 13.39
N HIS A 79 -11.09 20.90 12.30
CA HIS A 79 -11.30 20.11 11.12
C HIS A 79 -10.50 18.84 11.31
N PHE A 80 -11.10 17.74 10.89
CA PHE A 80 -10.48 16.45 11.04
C PHE A 80 -10.83 15.49 9.91
N ARG A 81 -9.96 14.51 9.73
CA ARG A 81 -10.24 13.40 8.85
C ARG A 81 -10.73 12.24 9.71
N VAL A 82 -11.64 11.44 9.17
CA VAL A 82 -12.14 10.25 9.87
C VAL A 82 -11.87 9.03 8.99
N GLU A 83 -11.59 7.91 9.63
CA GLU A 83 -11.00 6.78 8.95
C GLU A 83 -11.33 5.46 9.63
N GLY A 84 -11.93 4.52 8.89
CA GLY A 84 -12.25 3.17 9.40
C GLY A 84 -12.09 2.09 8.34
N PHE A 85 -12.33 0.84 8.74
CA PHE A 85 -12.23 -0.30 7.83
C PHE A 85 -13.43 -1.22 7.96
N HIS A 86 -14.13 -1.51 6.87
CA HIS A 86 -15.24 -2.47 6.90
C HIS A 86 -15.04 -3.59 5.91
N ASP A 87 -14.95 -4.83 6.38
CA ASP A 87 -14.71 -5.99 5.53
C ASP A 87 -13.39 -5.84 4.77
N GLY A 88 -12.43 -5.17 5.41
CA GLY A 88 -11.09 -4.96 4.84
C GLY A 88 -10.89 -3.69 4.02
N VAL A 89 -11.96 -2.95 3.81
CA VAL A 89 -11.92 -1.78 2.96
C VAL A 89 -11.84 -0.48 3.79
N ARG A 90 -10.85 0.33 3.47
CA ARG A 90 -10.69 1.62 4.10
C ARG A 90 -11.80 2.55 3.63
N ILE A 91 -12.54 3.06 4.60
CA ILE A 91 -13.61 4.01 4.37
C ILE A 91 -13.20 5.30 5.08
N ALA A 92 -13.19 6.42 4.36
CA ALA A 92 -12.69 7.68 4.95
C ALA A 92 -13.51 8.91 4.56
N TRP A 93 -13.49 9.93 5.41
CA TRP A 93 -14.07 11.21 5.04
C TRP A 93 -13.47 12.31 5.86
N GLU A 94 -13.85 13.55 5.55
CA GLU A 94 -13.35 14.73 6.27
C GLU A 94 -14.51 15.40 6.97
N CYS A 95 -14.29 15.92 8.17
CA CYS A 95 -15.27 16.81 8.77
C CYS A 95 -14.66 18.18 8.85
N ASP A 96 -15.21 19.07 8.01
N ASP A 96 -15.06 19.10 7.98
CA ASP A 96 -14.73 20.44 7.75
CA ASP A 96 -14.44 20.41 8.02
C ASP A 96 -15.46 21.51 8.56
C ASP A 96 -15.49 21.44 8.49
N HIS A 97 -16.17 21.08 9.59
CA HIS A 97 -17.13 21.94 10.29
C HIS A 97 -17.30 21.51 11.77
N ALA A 98 -18.01 22.32 12.54
CA ALA A 98 -18.26 22.07 13.95
C ALA A 98 -19.46 21.18 14.16
N LEU A 99 -19.33 20.29 15.12
CA LEU A 99 -20.35 19.30 15.48
C LEU A 99 -21.07 19.64 16.79
N LYS A 100 -22.16 18.93 17.05
CA LYS A 100 -23.00 19.19 18.19
C LYS A 100 -22.67 18.16 19.25
N ILE A 101 -22.43 18.61 20.48
CA ILE A 101 -22.18 17.69 21.58
C ILE A 101 -23.52 17.32 22.18
N SER A 102 -23.79 16.01 22.19
CA SER A 102 -25.11 15.49 22.55
C SER A 102 -24.93 14.16 23.26
N GLU A 103 -26.03 13.42 23.46
CA GLU A 103 -26.03 12.04 24.00
C GLU A 103 -26.81 11.13 23.07
N VAL A 104 -26.39 9.87 22.93
CA VAL A 104 -27.30 8.80 22.49
C VAL A 104 -27.07 7.57 23.37
N ASP A 105 -28.17 6.94 23.78
CA ASP A 105 -28.19 5.81 24.70
C ASP A 105 -27.25 6.04 25.90
N GLY A 106 -27.46 7.19 26.55
CA GLY A 106 -26.70 7.58 27.74
C GLY A 106 -25.22 7.93 27.61
N HIS A 107 -24.67 7.92 26.40
CA HIS A 107 -23.25 8.21 26.19
C HIS A 107 -23.07 9.42 25.31
N ARG A 108 -22.07 10.23 25.61
CA ARG A 108 -21.83 11.43 24.83
C ARG A 108 -21.34 11.08 23.44
N CYS A 109 -21.81 11.86 22.47
CA CYS A 109 -21.51 11.63 21.06
C CYS A 109 -21.45 12.99 20.39
N TYR A 110 -20.93 13.06 19.17
CA TYR A 110 -20.81 14.33 18.46
C TYR A 110 -21.55 14.24 17.12
N SER A 111 -22.44 15.19 16.79
CA SER A 111 -23.22 15.05 15.55
C SER A 111 -23.19 16.22 14.56
N GLY A 112 -23.54 15.88 13.34
CA GLY A 112 -23.67 16.84 12.30
C GLY A 112 -24.19 16.13 11.08
N PRO A 113 -24.26 16.87 9.96
CA PRO A 113 -24.75 16.33 8.71
C PRO A 113 -23.81 15.29 8.12
N LEU A 114 -24.36 14.34 7.37
CA LEU A 114 -23.58 13.32 6.67
C LEU A 114 -22.56 13.92 5.72
N PRO A 115 -21.45 13.21 5.45
CA PRO A 115 -20.50 13.75 4.47
C PRO A 115 -21.07 13.68 3.06
N GLN A 116 -20.70 14.63 2.21
CA GLN A 116 -21.11 14.58 0.80
C GLN A 116 -20.12 13.79 -0.07
N GLU A 117 -19.06 13.31 0.56
CA GLU A 117 -18.06 12.51 -0.10
C GLU A 117 -17.36 11.59 0.90
N VAL A 118 -17.29 10.30 0.54
CA VAL A 118 -16.58 9.27 1.29
C VAL A 118 -15.70 8.54 0.31
N THR A 119 -14.50 8.16 0.74
CA THR A 119 -13.61 7.36 -0.09
C THR A 119 -13.74 5.87 0.30
N TYR A 120 -13.46 4.99 -0.66
CA TYR A 120 -13.60 3.55 -0.53
C TYR A 120 -12.35 3.05 -1.23
N HIS A 121 -11.42 2.51 -0.46
CA HIS A 121 -10.15 2.04 -0.98
C HIS A 121 -9.81 0.66 -0.42
N GLN A 122 -9.68 -0.34 -1.28
CA GLN A 122 -9.19 -1.65 -0.88
C GLN A 122 -7.71 -1.72 -1.17
N ARG A 123 -6.90 -1.80 -0.12
CA ARG A 123 -5.47 -1.57 -0.29
C ARG A 123 -4.66 -2.84 -0.13
N ARG A 124 -5.30 -4.02 -0.16
CA ARG A 124 -4.55 -5.27 0.03
C ARG A 124 -3.48 -5.45 -1.02
N ASN A 125 -3.88 -5.29 -2.28
CA ASN A 125 -2.95 -5.45 -3.39
C ASN A 125 -1.75 -4.48 -3.34
N ALA A 126 -1.99 -3.21 -2.97
CA ALA A 126 -0.88 -2.28 -2.71
C ALA A 126 0.09 -2.86 -1.69
N PHE A 127 -0.45 -3.38 -0.59
CA PHE A 127 0.36 -3.82 0.54
C PHE A 127 1.24 -4.97 0.15
N ARG A 128 0.66 -5.91 -0.58
CA ARG A 128 1.35 -7.09 -1.09
C ARG A 128 2.47 -6.72 -2.04
N ALA A 129 2.17 -5.75 -2.91
CA ALA A 129 3.18 -5.18 -3.77
C ALA A 129 4.31 -4.63 -2.92
N ALA A 130 3.97 -3.82 -1.93
CA ALA A 130 4.96 -3.21 -1.06
C ALA A 130 5.80 -4.24 -0.32
N LEU A 131 5.18 -5.36 0.07
CA LEU A 131 5.87 -6.52 0.66
C LEU A 131 6.72 -7.32 -0.31
N LYS A 132 6.64 -6.95 -1.60
CA LYS A 132 7.35 -7.61 -2.69
C LYS A 132 6.94 -9.05 -2.80
N LEU A 133 5.65 -9.30 -2.56
CA LEU A 133 5.01 -10.59 -2.76
C LEU A 133 4.26 -10.65 -4.10
N SER A 134 4.14 -9.51 -4.78
CA SER A 134 3.39 -9.39 -6.00
C SER A 134 3.89 -8.18 -6.79
N GLN A 135 3.41 -8.05 -8.01
CA GLN A 135 3.82 -6.98 -8.94
C GLN A 135 5.33 -6.91 -9.19
N LEU A 136 5.95 -8.07 -9.24
CA LEU A 136 7.39 -8.13 -9.43
C LEU A 136 7.73 -8.19 -10.92
N VAL A 137 8.71 -7.39 -11.33
CA VAL A 137 9.27 -7.45 -12.68
C VAL A 137 9.81 -8.87 -12.98
N ASP A 138 9.44 -9.41 -14.13
CA ASP A 138 9.92 -10.69 -14.61
C ASP A 138 11.34 -10.54 -15.12
N ILE A 139 12.22 -11.46 -14.72
CA ILE A 139 13.60 -11.44 -15.21
C ILE A 139 13.93 -12.77 -15.83
N ILE A 140 14.92 -12.73 -16.70
CA ILE A 140 15.61 -13.90 -17.24
C ILE A 140 17.07 -13.75 -16.90
N LEU A 141 17.69 -14.85 -16.45
CA LEU A 141 19.14 -14.91 -16.21
C LEU A 141 19.73 -16.06 -17.05
N ASP A 142 20.49 -15.71 -18.08
CA ASP A 142 21.09 -16.67 -18.96
C ASP A 142 22.50 -16.25 -19.33
N GLY A 143 23.27 -17.20 -19.84
CA GLY A 143 24.66 -16.96 -20.23
C GLY A 143 25.37 -18.24 -20.64
N ALA A 144 26.52 -18.10 -21.29
CA ALA A 144 27.34 -19.25 -21.70
C ALA A 144 27.68 -20.19 -20.54
N HIS A 145 27.87 -19.63 -19.36
CA HIS A 145 28.31 -20.37 -18.16
C HIS A 145 27.18 -20.93 -17.27
N LEU A 146 25.93 -20.79 -17.71
CA LEU A 146 24.77 -21.33 -17.03
C LEU A 146 24.68 -22.82 -17.29
N LYS A 147 24.62 -23.59 -16.21
CA LYS A 147 24.58 -25.02 -16.29
C LYS A 147 23.11 -25.44 -16.32
N GLY A 148 22.81 -26.50 -17.05
CA GLY A 148 21.43 -26.95 -17.22
C GLY A 148 20.78 -26.27 -18.40
N ASN A 149 19.79 -26.91 -19.00
CA ASN A 149 19.14 -26.32 -20.16
C ASN A 149 17.96 -25.39 -19.77
N GLY A 150 17.75 -24.37 -20.61
CA GLY A 150 16.66 -23.41 -20.46
C GLY A 150 17.15 -22.20 -19.72
N ALA A 151 16.79 -21.00 -20.18
CA ALA A 151 17.12 -19.78 -19.46
C ALA A 151 16.36 -19.82 -18.16
N ARG A 153 14.07 -18.35 -15.38
CA ARG A 153 13.03 -17.37 -15.12
C ARG A 153 12.89 -17.15 -13.63
N GLY A 154 12.87 -15.89 -13.23
CA GLY A 154 12.61 -15.52 -11.86
C GLY A 154 12.02 -14.14 -11.77
N LYS A 155 12.22 -13.51 -10.62
CA LYS A 155 11.60 -12.23 -10.32
C LYS A 155 12.60 -11.28 -9.71
N LEU A 156 12.50 -10.02 -10.10
CA LEU A 156 13.25 -8.93 -9.47
C LEU A 156 12.63 -8.53 -8.12
N LEU A 157 13.41 -8.62 -7.06
CA LEU A 157 12.94 -8.26 -5.73
C LEU A 157 13.32 -6.82 -5.44
N ASP A 158 14.50 -6.45 -5.91
CA ASP A 158 15.11 -5.17 -5.52
C ASP A 158 16.15 -4.74 -6.57
N ILE A 159 16.27 -3.45 -6.82
CA ILE A 159 17.22 -2.92 -7.81
C ILE A 159 17.89 -1.62 -7.35
N SER A 160 19.15 -1.42 -7.72
CA SER A 160 19.85 -0.13 -7.53
C SER A 160 20.67 0.22 -8.77
N ALA A 161 21.45 1.29 -8.73
CA ALA A 161 22.26 1.66 -9.90
C ALA A 161 23.37 0.63 -10.20
N THR A 162 23.81 -0.07 -9.16
CA THR A 162 24.91 -1.02 -9.27
C THR A 162 24.54 -2.52 -9.29
N GLY A 163 23.33 -2.88 -8.85
CA GLY A 163 22.95 -4.29 -8.87
C GLY A 163 21.52 -4.53 -8.47
N CYS A 164 21.15 -5.80 -8.38
CA CYS A 164 19.86 -6.15 -7.88
C CYS A 164 19.77 -7.51 -7.20
N LYS A 165 18.65 -7.75 -6.55
CA LYS A 165 18.36 -9.01 -5.88
C LYS A 165 17.22 -9.70 -6.61
N LEU A 166 17.36 -11.00 -6.83
CA LEU A 166 16.39 -11.82 -7.58
C LEU A 166 15.98 -13.07 -6.80
N ARG A 167 14.88 -13.67 -7.27
CA ARG A 167 14.17 -14.77 -6.64
C ARG A 167 13.91 -15.85 -7.71
N PHE A 168 14.16 -17.09 -7.36
CA PHE A 168 13.88 -18.24 -8.21
C PHE A 168 13.13 -19.28 -7.40
N GLU A 169 12.16 -19.92 -8.03
CA GLU A 169 11.45 -21.02 -7.39
C GLU A 169 12.33 -22.25 -7.40
N GLY A 170 12.28 -23.02 -6.32
CA GLY A 170 13.04 -24.25 -6.21
C GLY A 170 14.46 -23.99 -5.77
N ASN A 171 15.24 -25.06 -5.69
CA ASN A 171 16.67 -24.99 -5.48
C ASN A 171 17.36 -24.97 -6.83
N VAL A 172 17.81 -23.79 -7.26
CA VAL A 172 18.58 -23.62 -8.50
C VAL A 172 20.03 -23.18 -8.21
N GLU A 173 20.51 -23.36 -6.98
CA GLU A 173 21.91 -23.01 -6.62
C GLU A 173 22.97 -23.63 -7.53
N ASP A 174 22.84 -24.93 -7.85
CA ASP A 174 23.88 -25.64 -8.61
C ASP A 174 23.96 -25.29 -10.11
N ARG A 175 22.86 -24.78 -10.65
CA ARG A 175 22.90 -24.14 -11.97
C ARG A 175 23.84 -22.89 -12.02
N LEU A 176 24.17 -22.35 -10.86
CA LEU A 176 24.87 -21.04 -10.77
C LEU A 176 26.24 -21.13 -10.09
N GLN A 177 27.04 -20.10 -10.30
CA GLN A 177 28.43 -20.08 -9.83
C GLN A 177 28.74 -18.69 -9.28
N LEU A 178 29.08 -18.59 -8.00
CA LEU A 178 29.39 -17.24 -7.47
C LEU A 178 30.64 -16.73 -8.18
N GLY A 179 30.64 -15.43 -8.49
CA GLY A 179 31.74 -14.78 -9.19
C GLY A 179 31.63 -14.83 -10.70
N GLN A 180 30.70 -15.62 -11.23
CA GLN A 180 30.59 -15.81 -12.67
C GLN A 180 29.81 -14.71 -13.32
N VAL A 181 30.18 -14.39 -14.55
CA VAL A 181 29.42 -13.40 -15.33
C VAL A 181 28.41 -14.09 -16.22
N TYR A 182 27.16 -13.65 -16.09
CA TYR A 182 26.04 -14.10 -16.90
C TYR A 182 25.67 -12.96 -17.82
N GLU A 183 25.91 -13.17 -19.11
CA GLU A 183 25.88 -12.08 -20.07
C GLU A 183 24.51 -11.86 -20.74
N ARG A 184 23.52 -12.69 -20.40
CA ARG A 184 22.14 -12.46 -20.83
C ARG A 184 21.15 -12.32 -19.68
N PHE A 185 21.22 -11.20 -18.96
CA PHE A 185 20.23 -10.80 -17.97
C PHE A 185 19.25 -9.90 -18.67
N LYS A 186 17.97 -10.18 -18.49
CA LYS A 186 16.87 -9.39 -19.06
C LYS A 186 15.81 -9.17 -17.99
N ALA A 187 15.15 -8.01 -18.08
CA ALA A 187 14.07 -7.63 -17.18
C ALA A 187 12.88 -7.10 -17.99
N GLY A 188 11.71 -7.67 -17.77
CA GLY A 188 10.50 -7.24 -18.46
C GLY A 188 10.01 -5.88 -18.01
N ASN A 189 8.76 -5.54 -18.37
CA ASN A 189 8.20 -4.22 -18.11
C ASN A 189 7.77 -4.02 -16.65
N PRO A 190 7.76 -2.75 -16.18
CA PRO A 190 8.04 -1.52 -16.93
C PRO A 190 9.50 -1.08 -16.90
N LEU A 191 10.41 -2.03 -16.70
CA LEU A 191 11.86 -1.78 -16.68
C LEU A 191 12.44 -1.90 -18.10
N GLY A 192 12.01 -2.92 -18.84
CA GLY A 192 12.39 -3.06 -20.24
C GLY A 192 13.88 -3.01 -20.50
N LEU A 193 14.59 -4.04 -20.04
CA LEU A 193 16.04 -4.10 -20.12
C LEU A 193 16.45 -5.30 -20.96
N VAL A 194 17.26 -5.04 -21.98
CA VAL A 194 17.76 -6.05 -22.89
C VAL A 194 19.09 -6.61 -22.42
N ASP A 195 19.44 -7.82 -22.86
CA ASP A 195 20.67 -8.55 -22.45
C ASP A 195 21.73 -7.64 -21.83
N THR A 196 21.81 -7.73 -20.52
CA THR A 196 22.70 -6.96 -19.71
C THR A 196 23.51 -8.02 -19.06
N VAL A 198 25.64 -9.44 -15.81
CA VAL A 198 25.67 -9.37 -14.35
C VAL A 198 26.68 -10.36 -13.81
N GLU A 199 27.34 -9.98 -12.73
CA GLU A 199 28.22 -10.83 -11.98
C GLU A 199 27.45 -11.38 -10.77
N LEU A 200 27.57 -12.67 -10.49
CA LEU A 200 26.87 -13.23 -9.33
C LEU A 200 27.68 -13.00 -8.07
N ARG A 201 27.05 -12.36 -7.08
CA ARG A 201 27.75 -11.91 -5.89
C ARG A 201 27.31 -12.61 -4.64
N HIS A 202 26.02 -12.94 -4.57
CA HIS A 202 25.40 -13.69 -3.45
C HIS A 202 24.45 -14.76 -3.95
N LEU A 203 24.32 -15.83 -3.17
CA LEU A 203 23.53 -16.96 -3.56
C LEU A 203 23.04 -17.71 -2.31
N HIS A 204 21.71 -17.79 -2.15
CA HIS A 204 21.10 -18.45 -0.99
C HIS A 204 19.79 -19.16 -1.36
N TYR A 205 19.79 -20.48 -1.20
CA TYR A 205 18.57 -21.27 -1.14
C TYR A 205 17.95 -21.22 0.27
N GLU A 206 16.74 -20.68 0.39
CA GLU A 206 15.93 -20.77 1.63
C GLU A 206 14.97 -21.96 1.55
N GLU A 207 15.28 -23.05 2.23
CA GLU A 207 14.53 -24.29 2.09
C GLU A 207 13.06 -24.20 2.54
N ARG A 208 12.80 -23.51 3.65
CA ARG A 208 11.45 -23.50 4.21
C ARG A 208 10.40 -22.81 3.33
N ILE A 209 10.86 -22.01 2.36
CA ILE A 209 9.96 -21.46 1.36
C ILE A 209 10.34 -21.90 -0.05
N ASN A 210 11.25 -22.87 -0.14
CA ASN A 210 11.68 -23.46 -1.41
C ASN A 210 11.99 -22.42 -2.47
N THR A 211 12.80 -21.45 -2.08
CA THR A 211 13.14 -20.32 -2.95
C THR A 211 14.61 -20.07 -2.92
N THR A 212 15.23 -19.92 -4.10
CA THR A 212 16.63 -19.55 -4.23
C THR A 212 16.70 -18.04 -4.51
N PHE A 213 17.59 -17.35 -3.79
CA PHE A 213 17.78 -15.91 -3.86
C PHE A 213 19.18 -15.59 -4.40
N ALA A 214 19.26 -14.65 -5.36
CA ALA A 214 20.53 -14.19 -5.92
C ALA A 214 20.74 -12.69 -5.78
N GLY A 215 21.98 -12.28 -5.59
CA GLY A 215 22.35 -10.89 -5.65
C GLY A 215 23.34 -10.77 -6.77
N VAL A 216 23.04 -9.88 -7.72
CA VAL A 216 23.90 -9.64 -8.85
C VAL A 216 24.30 -8.19 -8.95
N ARG A 217 25.46 -7.98 -9.56
CA ARG A 217 26.03 -6.66 -9.80
C ARG A 217 26.03 -6.45 -11.31
N PHE A 218 25.62 -5.27 -11.77
CA PHE A 218 25.64 -4.99 -13.22
C PHE A 218 27.09 -4.86 -13.72
N HIS A 219 27.40 -5.61 -14.76
CA HIS A 219 28.73 -5.75 -15.30
C HIS A 219 28.84 -4.89 -16.53
N ASN A 220 29.73 -3.91 -16.47
CA ASN A 220 30.03 -3.06 -17.60
C ASN A 220 28.76 -2.56 -18.26
N LEU A 221 27.94 -1.81 -17.52
CA LEU A 221 26.71 -1.28 -18.08
C LEU A 221 26.97 -0.30 -19.21
N SER A 222 26.09 -0.36 -20.21
CA SER A 222 26.01 0.68 -21.22
C SER A 222 25.42 1.90 -20.52
N GLY A 223 25.54 3.07 -21.16
CA GLY A 223 24.98 4.31 -20.63
C GLY A 223 23.46 4.39 -20.72
N GLN A 224 22.92 3.73 -21.74
CA GLN A 224 21.48 3.67 -21.94
C GLN A 224 20.89 2.70 -20.93
N ALA A 225 21.67 1.70 -20.54
CA ALA A 225 21.27 0.78 -19.48
C ALA A 225 21.27 1.47 -18.13
N GLN A 226 22.36 2.16 -17.81
CA GLN A 226 22.45 2.99 -16.59
C GLN A 226 21.24 3.90 -16.45
N ARG A 227 20.95 4.67 -17.48
CA ARG A 227 19.83 5.61 -17.43
C ARG A 227 18.43 4.95 -17.36
N LYS A 228 18.28 3.73 -17.89
CA LYS A 228 17.01 3.01 -17.76
C LYS A 228 16.82 2.52 -16.32
N ILE A 229 17.88 1.92 -15.78
CA ILE A 229 17.94 1.47 -14.39
C ILE A 229 17.76 2.63 -13.41
N GLU A 230 18.40 3.77 -13.71
CA GLU A 230 18.38 4.93 -12.81
C GLU A 230 17.01 5.57 -12.73
N SER A 231 16.35 5.66 -13.88
CA SER A 231 14.97 6.10 -13.93
C SER A 231 14.02 5.11 -13.29
N PHE A 232 14.25 3.80 -13.47
CA PHE A 232 13.36 2.83 -12.87
C PHE A 232 13.46 2.98 -11.36
N VAL A 233 14.70 3.08 -10.86
CA VAL A 233 14.95 3.19 -9.43
C VAL A 233 14.30 4.45 -8.86
N TYR A 234 14.34 5.57 -9.59
CA TYR A 234 13.73 6.84 -9.15
C TYR A 234 12.21 6.70 -9.04
N GLN A 235 11.62 5.98 -9.99
CA GLN A 235 10.16 5.83 -10.04
C GLN A 235 9.67 4.93 -8.92
N LEU A 236 10.43 3.86 -8.64
CA LEU A 236 10.14 2.88 -7.58
C LEU A 236 10.13 3.50 -6.16
N GLN A 237 11.17 4.26 -5.86
CA GLN A 237 11.29 4.86 -4.54
C GLN A 237 10.28 6.03 -4.35
N ARG A 238 9.70 6.51 -5.45
CA ARG A 238 8.60 7.49 -5.39
C ARG A 238 7.27 6.84 -5.00
N GLU A 239 7.02 5.64 -5.54
CA GLU A 239 5.79 4.91 -5.19
C GLU A 239 5.89 4.33 -3.77
N ALA A 240 7.09 3.94 -3.36
CA ALA A 240 7.36 3.53 -1.96
C ALA A 240 7.09 4.64 -0.94
N ARG A 241 7.70 5.81 -1.17
CA ARG A 241 7.47 6.98 -0.32
C ARG A 241 5.97 7.36 -0.26
N ARG A 242 5.31 7.27 -1.41
CA ARG A 242 3.85 7.54 -1.52
C ARG A 242 3.02 6.53 -0.72
N PHE A 243 3.37 5.26 -0.81
CA PHE A 243 2.71 4.20 -0.03
C PHE A 243 2.89 4.41 1.47
N ASP A 244 4.13 4.64 1.90
CA ASP A 244 4.46 4.80 3.33
C ASP A 244 3.76 5.99 3.99
N LYS A 245 3.46 7.03 3.21
CA LYS A 245 2.68 8.17 3.70
C LYS A 245 1.33 7.77 4.32
N ASP A 246 0.75 6.67 3.82
CA ASP A 246 -0.46 6.09 4.38
C ASP A 246 -1.57 7.15 4.42
N ASP A 247 -1.70 7.93 3.33
CA ASP A 247 -2.60 9.12 3.27
C ASP A 247 -3.86 9.00 2.37
N TYR A 248 -3.96 7.87 1.64
CA TYR A 248 -5.17 7.48 0.89
C TYR A 248 -5.31 5.94 0.92
#